data_5UOS
#
_entry.id   5UOS
#
_cell.length_a   114.432
_cell.length_b   114.432
_cell.length_c   150.631
_cell.angle_alpha   90.00
_cell.angle_beta   90.00
_cell.angle_gamma   120.00
#
_symmetry.space_group_name_H-M   'P 61 2 2'
#
loop_
_entity.id
_entity.type
_entity.pdbx_description
1 polymer 'Methylmalonic aciduria and homocystinuria type C protein'
2 non-polymer COBALAMIN
3 non-polymer 1-ethynyl-2,4-difluorobenzene
4 non-polymer GLUTATHIONE
5 non-polymer '2-PHENYLAMINO-ETHANESULFONIC ACID'
6 non-polymer 'SULFATE ION'
7 non-polymer 'SODIUM ION'
8 water water
#
_entity_poly.entity_id   1
_entity_poly.type   'polypeptide(L)'
_entity_poly.pdbx_seq_one_letter_code
;SNAMEPKVAELKQKIEDTLCPFGFEVYPFQVAWYNELLPPAFHLPLPGPTLAFLVLSTPAMFDRALKPFLQSCHLRMLTD
PVDQCVAYHLGRVRESLPELQIEIIADYEVHPNRRPKILAQTAAHVAGAAYYYQRQDVEADPWGNQRISGVCIHPRFGGW
FAIRGVVLLPGIEVPDLPPRKPHDCVPTRADRIALLEGFNFHWRDWTYRDAVTPQERYSEEQKAYFSTPPAQRLALLGLA
Q
;
_entity_poly.pdbx_strand_id   A
#
loop_
_chem_comp.id
_chem_comp.type
_chem_comp.name
_chem_comp.formula
171 non-polymer '2-PHENYLAMINO-ETHANESULFONIC ACID' 'C8 H11 N O3 S'
8FS non-polymer 1-ethynyl-2,4-difluorobenzene 'C8 H4 F2'
B12 non-polymer COBALAMIN 'C62 H89 Co N13 O14 P 2'
GSH non-polymer GLUTATHIONE 'C10 H17 N3 O6 S'
NA non-polymer 'SODIUM ION' 'Na 1'
SO4 non-polymer 'SULFATE ION' 'O4 S -2'
#
# COMPACT_ATOMS: atom_id res chain seq x y z
N SER A 1 -7.98 22.31 0.49
CA SER A 1 -8.48 22.93 1.74
C SER A 1 -8.23 24.45 1.77
N ASN A 2 -9.03 25.18 2.56
CA ASN A 2 -8.81 26.62 2.82
C ASN A 2 -8.92 26.95 4.34
N ALA A 3 -9.44 25.99 5.11
CA ALA A 3 -10.22 26.27 6.35
C ALA A 3 -9.36 26.49 7.61
N MET A 4 -9.98 27.04 8.67
CA MET A 4 -9.34 27.18 10.00
C MET A 4 -9.09 25.81 10.63
N GLU A 5 -10.01 24.88 10.39
CA GLU A 5 -9.80 23.48 10.71
C GLU A 5 -10.12 22.61 9.49
N PRO A 6 -9.06 22.01 8.86
CA PRO A 6 -9.22 21.28 7.59
C PRO A 6 -9.96 19.95 7.79
N LYS A 7 -10.96 19.68 6.95
CA LYS A 7 -11.78 18.48 7.07
C LYS A 7 -11.18 17.35 6.23
N VAL A 8 -11.42 16.11 6.65
CA VAL A 8 -10.87 14.91 5.96
C VAL A 8 -11.15 14.85 4.44
N ALA A 9 -12.38 15.20 4.05
CA ALA A 9 -12.78 15.14 2.64
C ALA A 9 -12.01 16.17 1.76
N GLU A 10 -11.79 17.38 2.29
CA GLU A 10 -10.98 18.41 1.60
C GLU A 10 -9.56 17.90 1.39
N LEU A 11 -8.97 17.35 2.46
CA LEU A 11 -7.61 16.81 2.42
C LEU A 11 -7.50 15.64 1.45
N LYS A 12 -8.46 14.70 1.55
CA LYS A 12 -8.50 13.53 0.64
C LYS A 12 -8.53 13.98 -0.82
N GLN A 13 -9.38 14.95 -1.13
CA GLN A 13 -9.51 15.49 -2.49
C GLN A 13 -8.18 16.06 -2.98
N LYS A 14 -7.48 16.78 -2.11
CA LYS A 14 -6.22 17.41 -2.47
C LYS A 14 -5.11 16.37 -2.74
N ILE A 15 -5.03 15.36 -1.87
CA ILE A 15 -4.08 14.27 -2.04
C ILE A 15 -4.40 13.43 -3.29
N GLU A 16 -5.67 13.18 -3.54
CA GLU A 16 -6.09 12.46 -4.74
C GLU A 16 -5.78 13.22 -6.04
N ASP A 17 -6.04 14.53 -6.05
CA ASP A 17 -5.63 15.41 -7.18
C ASP A 17 -4.13 15.26 -7.45
N THR A 18 -3.34 15.23 -6.38
CA THR A 18 -1.89 15.11 -6.47
C THR A 18 -1.45 13.70 -6.97
N LEU A 19 -2.05 12.64 -6.41
CA LEU A 19 -1.52 11.27 -6.55
C LEU A 19 -2.23 10.42 -7.62
N CYS A 20 -3.56 10.58 -7.75
CA CYS A 20 -4.38 9.65 -8.54
C CYS A 20 -4.07 9.64 -10.03
N PRO A 21 -3.64 10.82 -10.60
CA PRO A 21 -3.25 10.79 -12.02
C PRO A 21 -2.04 9.89 -12.28
N PHE A 22 -1.30 9.57 -11.23
CA PHE A 22 -0.06 8.82 -11.37
C PHE A 22 -0.17 7.38 -10.90
N GLY A 23 -1.42 6.90 -10.76
CA GLY A 23 -1.68 5.46 -10.51
C GLY A 23 -1.60 5.08 -9.04
N PHE A 24 -2.02 5.99 -8.17
CA PHE A 24 -2.13 5.71 -6.74
C PHE A 24 -3.56 5.81 -6.27
N GLU A 25 -3.86 5.19 -5.14
CA GLU A 25 -5.13 5.40 -4.47
C GLU A 25 -4.86 5.72 -3.02
N VAL A 26 -5.75 6.51 -2.41
CA VAL A 26 -5.56 6.91 -1.01
C VAL A 26 -6.82 6.69 -0.16
N TYR A 27 -6.61 6.10 1.01
CA TYR A 27 -7.71 5.72 1.89
C TYR A 27 -7.47 6.25 3.30
N PRO A 28 -8.39 7.08 3.82
CA PRO A 28 -8.27 7.65 5.17
C PRO A 28 -8.46 6.58 6.25
N PHE A 29 -7.77 6.75 7.37
CA PHE A 29 -8.09 6.02 8.59
C PHE A 29 -7.67 6.77 9.84
N GLN A 30 -8.25 6.40 10.97
CA GLN A 30 -7.80 6.87 12.27
C GLN A 30 -6.65 6.00 12.75
N VAL A 31 -5.66 6.63 13.36
CA VAL A 31 -4.51 5.90 13.93
C VAL A 31 -4.98 4.83 14.94
N ALA A 32 -6.05 5.13 15.67
CA ALA A 32 -6.59 4.20 16.68
C ALA A 32 -6.99 2.86 16.09
N TRP A 33 -7.55 2.88 14.86
CA TRP A 33 -8.00 1.63 14.21
C TRP A 33 -6.82 0.74 13.94
N TYR A 34 -5.67 1.35 13.65
CA TYR A 34 -4.44 0.64 13.42
C TYR A 34 -3.82 0.15 14.75
N ASN A 35 -3.69 1.06 15.72
CA ASN A 35 -3.09 0.71 17.03
C ASN A 35 -3.88 -0.36 17.80
N GLU A 36 -5.21 -0.28 17.74
CA GLU A 36 -6.11 -1.24 18.46
C GLU A 36 -5.70 -2.70 18.25
N LEU A 37 -5.29 -3.03 17.03
CA LEU A 37 -5.09 -4.43 16.63
C LEU A 37 -3.69 -4.93 16.94
N LEU A 38 -2.86 -4.04 17.49
CA LEU A 38 -1.42 -4.27 17.54
C LEU A 38 -0.88 -4.20 18.98
N PRO A 39 0.21 -4.97 19.26
CA PRO A 39 0.94 -4.85 20.52
C PRO A 39 1.67 -3.51 20.61
N PRO A 40 1.95 -3.03 21.86
CA PRO A 40 2.59 -1.73 22.10
C PRO A 40 3.89 -1.53 21.28
N ALA A 41 4.53 -2.63 20.88
CA ALA A 41 5.76 -2.56 20.09
C ALA A 41 5.54 -1.93 18.72
N PHE A 42 4.35 -2.13 18.14
CA PHE A 42 4.08 -1.67 16.74
C PHE A 42 3.26 -0.38 16.69
N HIS A 43 2.83 0.11 17.86
CA HIS A 43 1.97 1.30 17.96
C HIS A 43 2.59 2.51 17.32
N LEU A 44 1.80 3.26 16.56
CA LEU A 44 2.20 4.60 16.16
C LEU A 44 2.01 5.53 17.34
N PRO A 45 3.08 6.31 17.69
CA PRO A 45 3.07 7.21 18.84
C PRO A 45 2.37 8.55 18.51
N LEU A 46 1.10 8.47 18.13
CA LEU A 46 0.28 9.64 17.91
C LEU A 46 -1.05 9.43 18.59
N PRO A 47 -1.74 10.52 18.95
CA PRO A 47 -3.10 10.40 19.51
C PRO A 47 -4.03 9.57 18.59
N GLY A 48 -4.90 8.77 19.21
CA GLY A 48 -5.76 7.84 18.46
C GLY A 48 -6.56 8.45 17.31
N PRO A 49 -7.14 9.66 17.53
CA PRO A 49 -7.99 10.25 16.48
C PRO A 49 -7.20 10.90 15.32
N THR A 50 -5.87 10.77 15.34
CA THR A 50 -5.02 11.34 14.28
C THR A 50 -5.38 10.79 12.89
N LEU A 51 -5.53 11.70 11.94
CA LEU A 51 -5.80 11.33 10.56
C LEU A 51 -4.57 10.71 9.90
N ALA A 52 -4.80 9.61 9.18
CA ALA A 52 -3.78 9.01 8.35
C ALA A 52 -4.36 8.65 6.99
N PHE A 53 -3.49 8.54 5.99
CA PHE A 53 -3.90 8.01 4.68
C PHE A 53 -3.04 6.82 4.27
N LEU A 54 -3.70 5.71 3.93
CA LEU A 54 -3.03 4.57 3.33
C LEU A 54 -2.91 4.79 1.81
N VAL A 55 -1.69 4.65 1.29
CA VAL A 55 -1.42 4.90 -0.15
C VAL A 55 -0.99 3.61 -0.84
N LEU A 56 -1.64 3.28 -1.94
CA LEU A 56 -1.24 2.14 -2.73
C LEU A 56 -1.05 2.46 -4.19
N SER A 57 -0.27 1.64 -4.89
CA SER A 57 -0.07 1.79 -6.30
C SER A 57 -0.90 0.77 -7.06
N THR A 58 -1.57 1.24 -8.11
CA THR A 58 -2.32 0.38 -9.01
C THR A 58 -1.39 -0.02 -10.20
N PRO A 59 -1.87 -0.93 -11.10
CA PRO A 59 -1.07 -1.30 -12.28
C PRO A 59 -0.64 -0.09 -13.12
N ALA A 60 -1.43 0.98 -13.09
CA ALA A 60 -1.18 2.18 -13.91
C ALA A 60 0.11 2.92 -13.50
N MET A 61 0.53 2.73 -12.25
CA MET A 61 1.68 3.45 -11.69
C MET A 61 2.95 3.26 -12.52
N PHE A 62 3.15 2.03 -13.00
CA PHE A 62 4.29 1.70 -13.86
C PHE A 62 4.41 2.65 -15.05
N ASP A 63 3.33 2.80 -15.81
CA ASP A 63 3.35 3.62 -17.04
C ASP A 63 3.26 5.11 -16.76
N ARG A 64 2.45 5.48 -15.76
CA ARG A 64 2.11 6.90 -15.53
C ARG A 64 3.09 7.61 -14.59
N ALA A 65 3.68 6.85 -13.65
CA ALA A 65 4.65 7.41 -12.71
C ALA A 65 6.10 6.99 -13.04
N LEU A 66 6.36 5.68 -13.06
CA LEU A 66 7.74 5.17 -13.12
C LEU A 66 8.49 5.52 -14.42
N LYS A 67 7.87 5.26 -15.56
CA LYS A 67 8.51 5.50 -16.86
C LYS A 67 8.89 6.98 -17.07
N PRO A 68 7.96 7.92 -16.81
CA PRO A 68 8.33 9.35 -16.87
C PRO A 68 9.44 9.72 -15.88
N PHE A 69 9.41 9.11 -14.69
CA PHE A 69 10.40 9.37 -13.65
C PHE A 69 11.81 8.95 -14.09
N LEU A 70 11.91 7.78 -14.70
CA LEU A 70 13.17 7.28 -15.21
C LEU A 70 13.71 8.16 -16.35
N GLN A 71 12.81 8.60 -17.23
CA GLN A 71 13.21 9.44 -18.38
C GLN A 71 13.82 10.78 -17.96
N SER A 72 13.41 11.30 -16.81
CA SER A 72 13.95 12.55 -16.30
C SER A 72 15.08 12.35 -15.24
N CYS A 73 15.42 11.09 -14.99
CA CYS A 73 16.46 10.76 -14.00
C CYS A 73 17.85 10.70 -14.61
N HIS A 74 18.86 10.98 -13.78
CA HIS A 74 20.22 10.50 -14.06
C HIS A 74 20.34 9.05 -13.62
N LEU A 75 20.17 8.13 -14.58
CA LEU A 75 19.96 6.70 -14.27
C LEU A 75 21.14 6.05 -13.57
N ARG A 76 22.32 6.65 -13.72
CA ARG A 76 23.53 6.16 -13.06
C ARG A 76 23.46 6.32 -11.53
N MET A 77 22.77 7.37 -11.07
CA MET A 77 22.64 7.68 -9.63
C MET A 77 21.69 6.72 -8.91
N LEU A 78 20.86 6.03 -9.69
CA LEU A 78 19.67 5.38 -9.18
C LEU A 78 19.95 3.96 -8.69
N THR A 79 19.79 3.74 -7.40
CA THR A 79 19.90 2.39 -6.81
C THR A 79 18.52 1.70 -6.72
N ASP A 80 17.46 2.49 -6.44
CA ASP A 80 16.11 1.92 -6.21
C ASP A 80 15.01 2.68 -6.98
N PRO A 81 14.82 2.34 -8.26
CA PRO A 81 13.95 3.13 -9.17
C PRO A 81 12.49 3.27 -8.65
N VAL A 82 11.87 2.15 -8.28
CA VAL A 82 10.47 2.17 -7.86
C VAL A 82 10.28 2.99 -6.57
N ASP A 83 11.05 2.64 -5.55
CA ASP A 83 11.01 3.34 -4.27
C ASP A 83 11.21 4.86 -4.41
N GLN A 84 12.20 5.26 -5.21
CA GLN A 84 12.51 6.68 -5.40
C GLN A 84 11.43 7.40 -6.17
N CYS A 85 10.86 6.72 -7.16
CA CYS A 85 9.74 7.24 -7.90
C CYS A 85 8.53 7.51 -6.97
N VAL A 86 8.16 6.49 -6.19
CA VAL A 86 7.08 6.63 -5.22
C VAL A 86 7.37 7.76 -4.20
N ALA A 87 8.63 7.83 -3.75
CA ALA A 87 9.08 8.87 -2.80
C ALA A 87 8.89 10.29 -3.37
N TYR A 88 9.20 10.46 -4.65
CA TYR A 88 9.04 11.73 -5.30
C TYR A 88 7.57 12.18 -5.28
N HIS A 89 6.65 11.25 -5.59
CA HIS A 89 5.20 11.55 -5.59
C HIS A 89 4.62 11.75 -4.20
N LEU A 90 5.10 10.97 -3.23
CA LEU A 90 4.76 11.20 -1.83
C LEU A 90 5.22 12.59 -1.35
N GLY A 91 6.41 13.00 -1.79
CA GLY A 91 6.94 14.35 -1.49
C GLY A 91 6.11 15.45 -2.11
N ARG A 92 5.49 15.16 -3.25
CA ARG A 92 4.56 16.08 -3.89
C ARG A 92 3.31 16.34 -3.03
N VAL A 93 2.95 15.36 -2.19
CA VAL A 93 1.85 15.53 -1.23
C VAL A 93 2.16 16.66 -0.23
N ARG A 94 3.42 16.72 0.22
CA ARG A 94 3.87 17.80 1.12
C ARG A 94 3.77 19.17 0.45
N GLU A 95 4.02 19.22 -0.87
CA GLU A 95 4.01 20.48 -1.63
C GLU A 95 2.61 21.02 -1.86
N SER A 96 1.67 20.11 -2.10
CA SER A 96 0.26 20.50 -2.26
C SER A 96 -0.39 20.89 -0.92
N LEU A 97 0.19 20.43 0.20
CA LEU A 97 -0.30 20.78 1.54
C LEU A 97 0.82 21.37 2.44
N PRO A 98 1.49 22.46 1.96
CA PRO A 98 2.74 22.92 2.60
C PRO A 98 2.52 23.48 4.02
N GLU A 99 1.27 23.81 4.35
CA GLU A 99 0.94 24.43 5.63
C GLU A 99 0.88 23.42 6.76
N LEU A 100 0.75 22.13 6.40
CA LEU A 100 0.46 21.08 7.40
C LEU A 100 1.67 20.24 7.73
N GLN A 101 1.81 19.89 9.00
CA GLN A 101 2.81 18.95 9.42
C GLN A 101 2.46 17.55 8.91
N ILE A 102 3.38 16.96 8.16
CA ILE A 102 3.15 15.64 7.57
C ILE A 102 4.34 14.69 7.82
N GLU A 103 4.05 13.54 8.41
CA GLU A 103 5.00 12.43 8.43
C GLU A 103 4.60 11.39 7.40
N ILE A 104 5.56 10.95 6.60
CA ILE A 104 5.35 9.82 5.69
C ILE A 104 6.22 8.64 6.08
N ILE A 105 5.59 7.50 6.30
CA ILE A 105 6.31 6.23 6.43
C ILE A 105 6.09 5.38 5.19
N ALA A 106 7.17 5.12 4.47
CA ALA A 106 7.13 4.21 3.34
C ALA A 106 7.11 2.75 3.80
N ASP A 107 6.64 1.85 2.92
CA ASP A 107 6.45 0.40 3.26
C ASP A 107 7.76 -0.34 3.62
N TYR A 108 8.89 0.18 3.14
CA TYR A 108 10.18 -0.52 3.24
C TYR A 108 11.01 -0.04 4.42
N GLU A 109 10.54 1.01 5.09
CA GLU A 109 11.26 1.58 6.24
C GLU A 109 11.26 0.64 7.43
N VAL A 110 12.44 0.49 8.06
CA VAL A 110 12.57 -0.33 9.26
C VAL A 110 13.17 0.49 10.41
N HIS A 111 12.91 0.07 11.65
CA HIS A 111 13.63 0.59 12.81
C HIS A 111 15.06 -0.01 12.84
N PRO A 112 15.96 0.58 13.66
CA PRO A 112 17.34 0.03 13.72
C PRO A 112 17.37 -1.49 14.04
N ASN A 113 16.41 -1.96 14.86
CA ASN A 113 16.30 -3.39 15.18
C ASN A 113 15.71 -4.24 14.03
N ARG A 114 15.33 -3.58 12.94
CA ARG A 114 14.90 -4.27 11.69
C ARG A 114 13.36 -4.51 11.58
N ARG A 115 12.61 -4.16 12.63
CA ARG A 115 11.13 -4.24 12.56
C ARG A 115 10.58 -3.14 11.66
N PRO A 116 9.61 -3.49 10.77
CA PRO A 116 8.98 -2.50 9.86
C PRO A 116 8.35 -1.35 10.64
N LYS A 117 8.52 -0.12 10.12
CA LYS A 117 7.98 1.07 10.78
C LYS A 117 6.45 1.13 10.65
N ILE A 118 5.93 0.64 9.52
CA ILE A 118 4.51 0.44 9.36
C ILE A 118 4.19 -1.00 8.93
N LEU A 119 3.13 -1.54 9.51
CA LEU A 119 2.59 -2.81 9.05
C LEU A 119 1.54 -2.57 7.97
N ALA A 120 1.98 -2.67 6.72
CA ALA A 120 1.28 -2.09 5.59
C ALA A 120 -0.12 -2.72 5.39
N GLN A 121 -0.22 -4.03 5.63
CA GLN A 121 -1.43 -4.76 5.36
C GLN A 121 -2.49 -4.48 6.40
N THR A 122 -2.05 -4.31 7.66
CA THR A 122 -2.97 -3.93 8.73
C THR A 122 -3.56 -2.55 8.47
N ALA A 123 -2.69 -1.62 8.04
CA ALA A 123 -3.12 -0.31 7.58
C ALA A 123 -4.12 -0.39 6.40
N ALA A 124 -3.82 -1.25 5.44
CA ALA A 124 -4.67 -1.41 4.25
C ALA A 124 -6.04 -1.93 4.64
N HIS A 125 -6.05 -2.81 5.62
CA HIS A 125 -7.28 -3.43 6.06
C HIS A 125 -8.19 -2.41 6.75
N VAL A 126 -7.68 -1.73 7.79
CA VAL A 126 -8.51 -0.82 8.62
C VAL A 126 -8.92 0.45 7.87
N ALA A 127 -8.21 0.75 6.78
CA ALA A 127 -8.60 1.88 5.91
C ALA A 127 -9.60 1.44 4.84
N GLY A 128 -9.98 0.16 4.88
CA GLY A 128 -10.97 -0.39 3.96
C GLY A 128 -10.50 -0.55 2.53
N ALA A 129 -9.18 -0.43 2.33
CA ALA A 129 -8.59 -0.50 0.99
C ALA A 129 -8.64 -1.92 0.41
N ALA A 130 -8.19 -2.88 1.21
CA ALA A 130 -8.02 -4.26 0.76
C ALA A 130 -8.04 -5.18 1.95
N TYR A 131 -8.88 -6.22 1.87
CA TYR A 131 -9.02 -7.19 2.95
C TYR A 131 -7.72 -7.97 3.16
N TYR A 132 -7.25 -8.01 4.40
CA TYR A 132 -6.02 -8.68 4.74
C TYR A 132 -6.32 -10.11 5.18
N TYR A 133 -6.11 -11.06 4.28
CA TYR A 133 -6.42 -12.45 4.56
C TYR A 133 -5.26 -13.16 5.27
N GLN A 134 -5.54 -13.66 6.46
CA GLN A 134 -4.50 -14.21 7.35
C GLN A 134 -4.76 -15.70 7.65
N ARG A 135 -3.78 -16.35 8.27
CA ARG A 135 -3.96 -17.73 8.72
C ARG A 135 -5.23 -17.89 9.57
N GLN A 136 -5.44 -16.94 10.49
CA GLN A 136 -6.59 -16.99 11.41
C GLN A 136 -7.94 -16.92 10.68
N ASP A 137 -7.91 -16.49 9.42
CA ASP A 137 -9.15 -16.36 8.61
C ASP A 137 -9.57 -17.70 7.99
N VAL A 138 -8.76 -18.74 8.22
CA VAL A 138 -9.13 -20.10 7.86
C VAL A 138 -9.32 -20.95 9.13
N GLU A 139 -10.54 -21.46 9.32
CA GLU A 139 -10.82 -22.37 10.43
C GLU A 139 -10.19 -23.75 10.18
N ALA A 140 -9.57 -24.30 11.24
CA ALA A 140 -8.93 -25.64 11.20
C ALA A 140 -8.05 -25.84 9.95
N ASP A 141 -6.98 -25.05 9.86
CA ASP A 141 -6.15 -25.00 8.64
C ASP A 141 -5.22 -26.23 8.51
N PRO A 142 -4.82 -26.57 7.26
CA PRO A 142 -4.06 -27.80 6.98
C PRO A 142 -2.52 -27.65 7.08
N TRP A 143 -2.05 -26.50 7.55
CA TRP A 143 -0.66 -26.08 7.26
C TRP A 143 0.39 -26.48 8.30
N GLY A 144 -0.08 -26.83 9.51
CA GLY A 144 0.81 -27.34 10.57
C GLY A 144 1.97 -26.41 10.94
N ASN A 145 3.15 -27.00 11.17
CA ASN A 145 4.29 -26.27 11.71
C ASN A 145 5.05 -25.52 10.63
N GLN A 146 4.44 -24.45 10.13
CA GLN A 146 5.13 -23.47 9.25
C GLN A 146 4.49 -22.08 9.33
N ARG A 147 5.24 -21.07 8.92
CA ARG A 147 4.71 -19.72 8.85
C ARG A 147 3.82 -19.57 7.60
N ILE A 148 2.55 -19.25 7.83
CA ILE A 148 1.65 -18.84 6.73
C ILE A 148 1.45 -17.33 6.75
N SER A 149 2.14 -16.64 5.85
CA SER A 149 2.07 -15.18 5.76
C SER A 149 0.76 -14.71 5.13
N GLY A 150 0.28 -13.56 5.57
CA GLY A 150 -1.00 -13.02 5.10
C GLY A 150 -0.88 -12.22 3.81
N VAL A 151 -2.01 -11.99 3.17
CA VAL A 151 -2.03 -11.27 1.89
C VAL A 151 -3.32 -10.45 1.72
N CYS A 152 -3.16 -9.20 1.26
CA CYS A 152 -4.31 -8.32 0.95
C CYS A 152 -4.80 -8.56 -0.46
N ILE A 153 -6.12 -8.58 -0.62
CA ILE A 153 -6.72 -8.60 -1.96
C ILE A 153 -7.63 -7.39 -2.19
N HIS A 154 -7.28 -6.61 -3.20
CA HIS A 154 -8.05 -5.44 -3.62
C HIS A 154 -9.27 -5.87 -4.47
N PRO A 155 -10.46 -5.25 -4.24
CA PRO A 155 -11.69 -5.70 -4.92
C PRO A 155 -11.69 -5.43 -6.45
N ARG A 156 -10.88 -4.47 -6.88
CA ARG A 156 -10.80 -4.10 -8.30
C ARG A 156 -9.51 -4.64 -8.98
N PHE A 157 -8.41 -4.68 -8.23
CA PHE A 157 -7.11 -5.10 -8.79
C PHE A 157 -6.68 -6.49 -8.31
N GLY A 158 -7.50 -7.13 -7.50
CA GLY A 158 -7.10 -8.39 -6.87
C GLY A 158 -5.79 -8.22 -6.13
N GLY A 159 -4.78 -8.99 -6.52
CA GLY A 159 -3.44 -8.87 -5.92
C GLY A 159 -2.51 -8.03 -6.77
N TRP A 160 -3.06 -7.40 -7.83
CA TRP A 160 -2.25 -6.64 -8.80
C TRP A 160 -2.08 -5.19 -8.37
N PHE A 161 -1.40 -5.01 -7.25
CA PHE A 161 -1.21 -3.68 -6.65
C PHE A 161 -0.14 -3.82 -5.57
N ALA A 162 0.28 -2.70 -5.00
CA ALA A 162 1.22 -2.72 -3.88
C ALA A 162 0.93 -1.60 -2.90
N ILE A 163 1.15 -1.87 -1.63
CA ILE A 163 1.02 -0.86 -0.60
C ILE A 163 2.33 -0.03 -0.49
N ARG A 164 2.21 1.28 -0.59
CA ARG A 164 3.38 2.15 -0.77
C ARG A 164 3.77 2.93 0.49
N GLY A 165 2.80 3.25 1.31
CA GLY A 165 3.09 3.89 2.57
C GLY A 165 1.92 4.53 3.26
N VAL A 166 2.21 5.22 4.35
CA VAL A 166 1.20 5.91 5.12
C VAL A 166 1.56 7.40 5.25
N VAL A 167 0.59 8.25 4.95
CA VAL A 167 0.73 9.68 5.19
C VAL A 167 0.01 10.03 6.51
N LEU A 168 0.75 10.59 7.45
CA LEU A 168 0.21 10.97 8.74
C LEU A 168 0.15 12.47 8.88
N LEU A 169 -0.92 12.96 9.50
CA LEU A 169 -1.13 14.39 9.70
C LEU A 169 -1.34 14.71 11.17
N PRO A 170 -0.24 14.76 11.95
CA PRO A 170 -0.33 15.04 13.40
C PRO A 170 -0.97 16.41 13.65
N GLY A 171 -1.81 16.50 14.68
CA GLY A 171 -2.50 17.76 14.99
C GLY A 171 -3.85 17.90 14.30
N ILE A 172 -4.05 17.16 13.19
CA ILE A 172 -5.39 16.99 12.61
C ILE A 172 -6.08 15.72 13.16
N GLU A 173 -7.10 15.93 13.98
CA GLU A 173 -7.78 14.81 14.64
C GLU A 173 -9.20 14.66 14.13
N VAL A 174 -9.56 13.45 13.77
CA VAL A 174 -10.85 13.16 13.15
C VAL A 174 -11.59 12.04 13.91
N PRO A 175 -11.97 12.32 15.17
CA PRO A 175 -12.47 11.23 16.05
C PRO A 175 -13.81 10.64 15.55
N ASP A 176 -14.50 11.37 14.66
CA ASP A 176 -15.79 10.93 14.13
C ASP A 176 -15.73 10.43 12.68
N LEU A 177 -14.52 10.16 12.20
CA LEU A 177 -14.36 9.52 10.89
C LEU A 177 -14.99 8.12 10.92
N PRO A 178 -16.04 7.89 10.10
CA PRO A 178 -16.79 6.63 10.16
C PRO A 178 -16.03 5.47 9.46
N PRO A 179 -15.76 4.37 10.21
CA PRO A 179 -14.97 3.24 9.67
C PRO A 179 -15.72 2.46 8.62
N ARG A 180 -14.99 1.92 7.63
CA ARG A 180 -15.55 0.96 6.71
C ARG A 180 -14.68 -0.29 6.62
N LYS A 181 -15.26 -1.44 6.93
CA LYS A 181 -14.65 -2.75 6.65
C LYS A 181 -14.22 -2.85 5.18
N PRO A 182 -13.02 -3.42 4.92
CA PRO A 182 -12.65 -3.72 3.55
C PRO A 182 -13.61 -4.75 2.94
N HIS A 183 -13.72 -4.76 1.61
CA HIS A 183 -14.52 -5.76 0.89
C HIS A 183 -13.98 -7.17 1.14
N ASP A 184 -14.78 -8.00 1.80
CA ASP A 184 -14.47 -9.43 1.88
C ASP A 184 -14.75 -10.10 0.53
N CYS A 185 -13.85 -9.89 -0.42
CA CYS A 185 -14.06 -10.34 -1.79
C CYS A 185 -13.56 -11.78 -2.04
N VAL A 186 -12.85 -12.34 -1.06
CA VAL A 186 -12.52 -13.78 -1.06
C VAL A 186 -13.20 -14.50 0.16
N PRO A 187 -14.54 -14.74 0.07
CA PRO A 187 -15.30 -15.08 1.29
C PRO A 187 -15.19 -16.56 1.74
N THR A 188 -15.04 -17.49 0.79
CA THR A 188 -15.11 -18.94 1.12
C THR A 188 -13.78 -19.52 1.58
N ARG A 189 -13.86 -20.37 2.61
CA ARG A 189 -12.68 -21.05 3.16
C ARG A 189 -11.79 -21.66 2.07
N ALA A 190 -12.41 -22.38 1.13
CA ALA A 190 -11.67 -23.07 0.06
C ALA A 190 -10.84 -22.10 -0.79
N ASP A 191 -11.39 -20.91 -1.03
CA ASP A 191 -10.70 -19.88 -1.84
C ASP A 191 -9.59 -19.17 -1.04
N ARG A 192 -9.84 -18.96 0.26
CA ARG A 192 -8.83 -18.36 1.14
C ARG A 192 -7.61 -19.29 1.28
N ILE A 193 -7.86 -20.59 1.39
CA ILE A 193 -6.79 -21.58 1.40
C ILE A 193 -5.96 -21.50 0.12
N ALA A 194 -6.64 -21.53 -1.03
CA ALA A 194 -5.96 -21.45 -2.34
C ALA A 194 -5.17 -20.15 -2.47
N LEU A 195 -5.75 -19.05 -1.96
CA LEU A 195 -5.10 -17.75 -2.00
C LEU A 195 -3.80 -17.74 -1.17
N LEU A 196 -3.91 -18.16 0.09
CA LEU A 196 -2.78 -18.17 1.00
C LEU A 196 -1.67 -19.11 0.52
N GLU A 197 -2.06 -20.30 0.04
CA GLU A 197 -1.12 -21.23 -0.55
C GLU A 197 -0.40 -20.63 -1.78
N GLY A 198 -1.17 -19.96 -2.63
CA GLY A 198 -0.61 -19.31 -3.82
C GLY A 198 0.37 -18.21 -3.48
N PHE A 199 0.12 -17.51 -2.36
CA PHE A 199 0.96 -16.41 -1.94
C PHE A 199 2.24 -16.91 -1.26
N ASN A 200 2.09 -17.92 -0.40
CA ASN A 200 3.20 -18.42 0.39
C ASN A 200 4.13 -19.37 -0.40
N PHE A 201 3.55 -20.11 -1.34
CA PHE A 201 4.24 -21.27 -1.92
C PHE A 201 4.47 -21.18 -3.42
N HIS A 202 3.82 -20.22 -4.08
CA HIS A 202 3.77 -20.19 -5.56
C HIS A 202 3.81 -18.76 -6.14
N TRP A 203 4.18 -17.78 -5.29
CA TRP A 203 4.05 -16.35 -5.68
C TRP A 203 4.76 -15.97 -6.97
N ARG A 204 5.78 -16.76 -7.33
CA ARG A 204 6.55 -16.50 -8.58
C ARG A 204 5.73 -16.73 -9.86
N ASP A 205 4.65 -17.51 -9.76
CA ASP A 205 3.77 -17.76 -10.90
C ASP A 205 2.61 -16.71 -11.03
N TRP A 206 2.58 -15.73 -10.12
CA TRP A 206 1.61 -14.58 -10.16
C TRP A 206 0.17 -14.92 -9.73
N THR A 207 -0.19 -16.21 -9.79
CA THR A 207 -1.62 -16.61 -9.86
C THR A 207 -2.45 -16.19 -8.63
N TYR A 208 -1.80 -16.03 -7.47
CA TYR A 208 -2.51 -15.58 -6.25
C TYR A 208 -3.19 -14.23 -6.47
N ARG A 209 -2.60 -13.41 -7.33
CA ARG A 209 -3.10 -12.07 -7.59
C ARG A 209 -4.45 -12.07 -8.33
N ASP A 210 -4.79 -13.24 -8.91
CA ASP A 210 -6.06 -13.42 -9.62
C ASP A 210 -7.15 -14.04 -8.72
N ALA A 211 -6.92 -14.04 -7.40
CA ALA A 211 -7.88 -14.64 -6.44
C ALA A 211 -9.25 -13.98 -6.52
N VAL A 212 -9.25 -12.70 -6.83
CA VAL A 212 -10.38 -12.06 -7.47
C VAL A 212 -9.95 -11.59 -8.84
N THR A 213 -10.74 -11.94 -9.86
CA THR A 213 -10.45 -11.50 -11.21
C THR A 213 -10.38 -9.97 -11.28
N PRO A 214 -9.24 -9.44 -11.75
CA PRO A 214 -9.01 -8.01 -11.74
C PRO A 214 -9.62 -7.33 -12.98
N GLN A 215 -9.98 -6.07 -12.83
CA GLN A 215 -10.36 -5.24 -13.95
C GLN A 215 -9.14 -4.82 -14.75
N GLU A 216 -7.98 -4.87 -14.10
CA GLU A 216 -6.72 -4.51 -14.73
C GLU A 216 -5.53 -5.24 -14.06
N ARG A 217 -4.66 -5.82 -14.87
CA ARG A 217 -3.42 -6.46 -14.40
C ARG A 217 -2.22 -5.56 -14.69
N TYR A 218 -1.07 -5.89 -14.11
CA TYR A 218 0.23 -5.44 -14.64
C TYR A 218 0.36 -5.92 -16.09
N SER A 219 0.83 -5.04 -16.97
CA SER A 219 1.13 -5.42 -18.37
C SER A 219 2.25 -6.49 -18.39
N GLU A 220 2.40 -7.16 -19.54
CA GLU A 220 3.47 -8.16 -19.72
C GLU A 220 4.86 -7.54 -19.52
N GLU A 221 5.01 -6.26 -19.89
CA GLU A 221 6.22 -5.52 -19.61
C GLU A 221 6.47 -5.33 -18.12
N GLN A 222 5.45 -4.87 -17.39
CA GLN A 222 5.58 -4.64 -15.94
C GLN A 222 5.86 -5.94 -15.19
N LYS A 223 5.21 -7.02 -15.64
CA LYS A 223 5.49 -8.36 -15.13
C LYS A 223 6.94 -8.72 -15.38
N ALA A 224 7.39 -8.54 -16.63
CA ALA A 224 8.78 -8.83 -17.01
C ALA A 224 9.77 -8.03 -16.16
N TYR A 225 9.45 -6.74 -15.96
CA TYR A 225 10.27 -5.86 -15.13
C TYR A 225 10.50 -6.47 -13.75
N PHE A 226 9.41 -6.82 -13.06
CA PHE A 226 9.49 -7.18 -11.64
C PHE A 226 10.02 -8.58 -11.41
N SER A 227 10.13 -9.36 -12.49
CA SER A 227 10.51 -10.77 -12.41
C SER A 227 11.91 -11.04 -12.99
N THR A 228 12.47 -10.04 -13.67
CA THR A 228 13.91 -10.02 -13.95
C THR A 228 14.68 -9.35 -12.79
N PRO A 229 15.88 -9.91 -12.43
CA PRO A 229 16.59 -9.44 -11.23
C PRO A 229 16.99 -7.95 -11.34
N PRO A 230 17.00 -7.21 -10.19
CA PRO A 230 17.12 -5.74 -10.19
C PRO A 230 18.17 -5.18 -11.16
N ALA A 231 19.33 -5.84 -11.25
CA ALA A 231 20.50 -5.30 -11.98
C ALA A 231 20.24 -5.10 -13.52
N GLN A 232 19.39 -5.94 -14.10
CA GLN A 232 19.16 -5.92 -15.56
C GLN A 232 17.90 -5.11 -15.95
N ARG A 233 17.23 -4.54 -14.96
CA ARG A 233 15.88 -3.99 -15.15
C ARG A 233 15.84 -2.80 -16.10
N LEU A 234 16.79 -1.89 -15.97
CA LEU A 234 16.84 -0.68 -16.81
C LEU A 234 17.19 -1.01 -18.28
N ALA A 235 17.94 -2.10 -18.48
CA ALA A 235 18.22 -2.63 -19.82
C ALA A 235 16.94 -3.16 -20.49
N LEU A 236 16.07 -3.78 -19.69
CA LEU A 236 14.80 -4.36 -20.19
C LEU A 236 13.84 -3.28 -20.74
N LEU A 237 13.98 -2.05 -20.25
CA LEU A 237 13.19 -0.93 -20.75
C LEU A 237 13.97 -0.15 -21.83
N GLY A 238 15.21 -0.57 -22.09
CA GLY A 238 16.06 0.02 -23.13
C GLY A 238 16.56 1.40 -22.77
N LEU A 239 17.21 1.50 -21.59
CA LEU A 239 17.62 2.79 -21.05
C LEU A 239 19.09 2.81 -20.64
CO B12 B . 6.70 -9.07 1.50
N21 B12 B . 5.21 -8.14 0.98
N22 B12 B . 6.33 -10.51 0.19
N23 B12 B . 8.25 -10.02 2.08
N24 B12 B . 7.04 -7.67 2.72
C1 B12 B . 4.66 -7.32 2.01
C20 B12 B . 3.74 -8.15 2.91
C2 B12 B . 3.88 -6.22 1.20
C25 B12 B . 2.65 -5.72 1.99
C26 B12 B . 4.78 -5.01 0.81
C27 B12 B . 4.14 -4.06 -0.23
O28 B12 B . 2.99 -4.20 -0.62
N29 B12 B . 4.91 -3.06 -0.65
C3 B12 B . 3.51 -7.01 -0.10
C30 B12 B . 2.12 -7.71 -0.04
C31 B12 B . 1.02 -6.91 -0.73
C32 B12 B . -0.35 -7.59 -0.52
O34 B12 B . -1.00 -7.99 -1.50
N33 B12 B . -0.79 -7.72 0.74
C4 B12 B . 4.60 -8.08 -0.13
C5 B12 B . 4.85 -8.99 -1.22
C35 B12 B . 4.05 -8.81 -2.51
C6 B12 B . 5.78 -10.00 -1.10
C7 B12 B . 6.36 -10.73 -2.35
C36 B12 B . 5.24 -11.32 -3.24
C37 B12 B . 7.28 -9.77 -3.15
C38 B12 B . 7.55 -10.24 -4.58
O39 B12 B . 6.85 -9.87 -5.53
N40 B12 B . 8.62 -11.01 -4.75
C8 B12 B . 7.16 -11.83 -1.68
C41 B12 B . 6.27 -13.08 -1.44
C42 B12 B . 6.91 -14.06 -0.47
C43 B12 B . 6.06 -14.22 0.78
O44 B12 B . 5.70 -15.31 1.12
N45 B12 B . 5.79 -13.11 1.48
C9 B12 B . 7.45 -11.19 -0.37
C10 B12 B . 8.80 -11.09 0.11
C11 B12 B . 9.03 -10.84 1.36
C12 B12 B . 10.21 -11.41 2.17
C46 B12 B . 11.51 -10.71 1.75
C47 B12 B . 10.36 -12.94 2.01
C13 B12 B . 9.82 -10.98 3.60
C48 B12 B . 9.40 -12.14 4.54
C49 B12 B . 7.94 -12.62 4.35
C50 B12 B . 7.21 -12.60 5.68
O51 B12 B . 7.71 -13.08 6.69
N52 B12 B . 5.98 -12.04 5.67
C14 B12 B . 8.69 -9.97 3.34
C15 B12 B . 8.37 -8.89 4.32
C53 B12 B . 9.15 -8.86 5.62
C16 B12 B . 7.50 -7.88 4.00
C17 B12 B . 7.15 -6.64 4.86
C54 B12 B . 8.28 -5.61 4.62
C55 B12 B . 7.01 -6.88 6.35
C56 B12 B . 5.85 -7.77 6.78
C57 B12 B . 6.13 -8.17 8.21
O58 B12 B . 7.29 -8.23 8.59
N59 B12 B . 5.10 -8.41 8.99
C18 B12 B . 5.81 -6.17 4.20
C60 B12 B . 5.67 -4.63 4.03
C61 B12 B . 5.29 -3.98 5.37
O63 B12 B . 4.48 -4.48 6.11
N62 B12 B . 5.90 -2.85 5.66
C19 B12 B . 5.86 -6.93 2.88
C1P B12 B . 5.27 -8.86 10.36
C2P B12 B . 4.13 -9.76 10.77
C3P B12 B . 4.28 -10.14 12.25
O3 B12 B . 2.88 -9.06 10.56
O4 B12 B . 1.65 -11.26 10.16
O5 B12 B . 0.49 -8.97 9.74
P B12 B . 1.45 -9.82 10.55
O2 B12 B . 0.99 -9.82 12.09
C3R B12 B . 0.37 -8.67 12.67
C2R B12 B . -1.09 -8.57 12.30
O7R B12 B . -1.65 -9.89 12.23
C1R B12 B . -1.71 -7.82 13.45
O6R B12 B . -0.87 -8.07 14.57
C4R B12 B . 0.34 -8.74 14.17
C5R B12 B . 1.54 -8.07 14.80
O8R B12 B . 1.44 -8.24 16.20
N1B B12 B . -3.08 -8.28 13.73
C8B B12 B . -4.18 -8.01 13.01
C2B B12 B . -3.45 -9.01 14.83
N3B B12 B . -4.79 -9.23 14.81
C9B B12 B . -5.31 -8.64 13.71
C4B B12 B . -6.61 -8.55 13.19
C5B B12 B . -6.84 -7.85 12.00
C5M B12 B . -8.25 -7.78 11.45
C6B B12 B . -5.68 -7.21 11.28
C6M B12 B . -5.91 -6.48 10.00
C7B B12 B . -4.39 -7.30 11.81
H201 B12 B . 3.38 -7.58 3.62
H202 B12 B . 4.25 -8.87 3.32
H203 B12 B . 3.02 -8.53 2.38
H251 B12 B . 2.19 -5.04 1.47
H252 B12 B . 2.94 -5.33 2.84
H253 B12 B . 2.05 -6.46 2.17
H261 B12 B . 5.61 -5.35 0.46
H262 B12 B . 5.00 -4.51 1.61
H291 B12 B . 5.72 -2.99 -0.36
H292 B12 B . 4.61 -2.51 -1.23
H3 B12 B . 3.46 -6.44 -0.88
H301 B12 B . 1.87 -7.85 0.90
H302 B12 B . 2.18 -8.59 -0.45
H311 B12 B . 1.21 -6.82 -1.67
H312 B12 B . 0.99 -6.01 -0.37
H331 B12 B . -0.32 -7.42 1.39
H332 B12 B . -1.54 -8.10 0.89
H351 B12 B . 4.32 -9.49 -3.15
H352 B12 B . 4.22 -7.93 -2.87
H353 B12 B . 3.10 -8.91 -2.32
H361 B12 B . 5.63 -11.75 -4.02
H362 B12 B . 4.65 -10.60 -3.55
H363 B12 B . 4.71 -11.94 -2.74
H371 B12 B . 8.12 -9.67 -2.67
H372 B12 B . 6.87 -8.88 -3.17
H401 B12 B . 9.11 -11.22 -4.08
H402 B12 B . 8.81 -11.31 -5.54
H8 B12 B . 7.93 -12.13 -2.19
H411 B12 B . 6.11 -13.52 -2.29
H412 B12 B . 5.41 -12.80 -1.10
H421 B12 B . 7.80 -13.75 -0.22
H422 B12 B . 7.02 -14.92 -0.90
H451 B12 B . 6.09 -12.35 1.23
H452 B12 B . 5.31 -13.16 2.20
H10 B12 B . 9.53 -11.21 -0.51
H461 B12 B . 12.25 -11.07 2.27
H462 B12 B . 11.43 -9.76 1.92
H463 B12 B . 11.66 -10.87 0.81
H471 B12 B . 11.11 -13.25 2.53
H472 B12 B . 10.51 -13.15 1.08
H473 B12 B . 9.55 -13.37 2.32
H13 B12 B . 10.57 -10.60 4.07
H481 B12 B . 9.52 -11.85 5.46
H482 B12 B . 10.00 -12.89 4.40
H491 B12 B . 7.94 -13.50 3.98
H492 B12 B . 7.49 -12.03 3.71
H521 B12 B . 5.67 -11.72 4.95
H522 B12 B . 5.52 -12.01 6.40
H531 B12 B . 8.85 -8.12 6.16
H532 B12 B . 10.09 -8.75 5.44
H533 B12 B . 9.00 -9.69 6.11
H541 B12 B . 8.10 -4.81 5.13
H542 B12 B . 8.31 -5.39 3.67
H543 B12 B . 9.13 -6.00 4.88
H551 B12 B . 6.91 -6.01 6.80
H552 B12 B . 7.83 -7.27 6.69
H561 B12 B . 5.79 -8.55 6.20
H562 B12 B . 5.01 -7.29 6.71
H59 B12 B . 4.30 -8.32 8.68
H18 B12 B . 5.02 -6.37 4.74
H601 B12 B . 4.98 -4.44 3.36
H602 B12 B . 6.50 -4.27 3.70
H621 B12 B . 6.48 -2.51 5.12
H622 B12 B . 5.72 -2.45 6.40
H1P1 B12 B . 5.32 -8.09 10.95
H1P2 B12 B . 6.11 -9.34 10.44
H2P B12 B . 4.13 -10.57 10.24
H3P1 B12 B . 3.54 -10.72 12.51
H3P2 B12 B . 4.27 -9.34 12.80
H3P3 B12 B . 5.11 -10.62 12.38
H3R B12 B . 0.88 -7.91 12.33
H2R B12 B . -1.23 -8.15 11.43
HOR7 B12 B . -1.97 -10.03 11.47
H1R B12 B . -1.78 -6.88 13.24
H4R B12 B . 0.37 -9.68 14.45
H5R1 B12 B . 1.56 -7.13 14.57
H5R2 B12 B . 2.36 -8.47 14.46
HOR8 B12 B . 0.63 -8.18 16.45
H2B B12 B . -2.85 -9.33 15.51
H4B B12 B . -7.34 -8.97 13.66
HM51 B12 B . -8.25 -7.27 10.63
HM52 B12 B . -8.83 -7.35 12.10
HM53 B12 B . -8.57 -8.68 11.28
HM61 B12 B . -5.07 -6.13 9.67
HM62 B12 B . -6.53 -5.74 10.15
HM63 B12 B . -6.29 -7.08 9.34
H7B B12 B . -3.65 -6.89 11.35
FAE 8FS C . 10.22 -8.67 -1.46
CAF 8FS C . 10.69 -7.43 -1.80
CAB 8FS C . 11.49 -7.29 -2.93
CAC 8FS C . 11.97 -6.04 -3.28
FAA 8FS C . 12.78 -5.89 -4.41
CAD 8FS C . 11.65 -4.91 -2.49
CAH 8FS C . 10.86 -5.05 -1.36
CAG 8FS C . 10.37 -6.31 -1.01
CAJ 8FS C . 9.57 -6.45 0.13
CAI 8FS C . 8.98 -6.56 0.96
N1 GSH D . 14.02 -1.38 -4.33
CA1 GSH D . 13.87 -1.63 -5.76
C1 GSH D . 13.27 -0.41 -6.45
O11 GSH D . 12.93 0.57 -5.73
O12 GSH D . 13.15 -0.41 -7.71
CB1 GSH D . 12.98 -2.86 -5.97
CG1 GSH D . 11.52 -2.56 -5.69
CD1 GSH D . 10.65 -3.77 -5.97
OE1 GSH D . 11.00 -4.62 -6.81
N2 GSH D . 9.52 -3.85 -5.29
CA2 GSH D . 8.53 -4.86 -5.58
C2 GSH D . 7.27 -4.28 -6.20
O2 GSH D . 7.03 -3.07 -6.14
CB2 GSH D . 8.25 -5.70 -4.31
SG2 GSH D . 7.03 -4.97 -3.19
N3 GSH D . 6.50 -5.14 -6.90
CA3 GSH D . 5.13 -4.85 -7.28
C3 GSH D . 4.17 -5.89 -6.69
O31 GSH D . 2.97 -5.85 -7.04
O32 GSH D . 4.61 -6.74 -5.87
HN11 GSH D . 13.78 -0.63 -4.00
HN12 GSH D . 14.35 -1.99 -3.83
HA1 GSH D . 14.74 -1.79 -6.16
HB12 GSH D . 13.30 -3.58 -5.40
HB13 GSH D . 13.09 -3.17 -6.89
HG12 GSH D . 11.22 -1.81 -6.23
HG13 GSH D . 11.41 -2.31 -4.76
HN2 GSH D . 9.37 -3.28 -4.66
HA2 GSH D . 8.89 -5.46 -6.24
HB22 GSH D . 9.08 -5.82 -3.83
HB23 GSH D . 7.94 -6.57 -4.59
HSG GSH D . 6.87 -5.70 -2.25
HN3 GSH D . 6.85 -5.89 -7.11
HA31 GSH D . 5.06 -4.85 -8.24
HA32 GSH D . 4.88 -3.98 -6.97
C3' 171 E . 9.59 11.13 1.93
C2' 171 E . 10.20 10.36 2.91
C1' 171 E . 10.17 8.96 2.84
C6' 171 E . 9.53 8.32 1.78
N 171 E . 10.75 8.22 3.79
C1 171 E . 10.98 8.76 5.11
C2 171 E . 12.36 8.40 5.63
S 171 E . 12.88 9.56 6.70
O1 171 E . 11.83 9.90 7.61
O2 171 E . 13.33 10.91 5.87
O3 171 E . 14.01 9.04 7.43
C5' 171 E . 8.92 9.09 0.80
C4' 171 E . 8.95 10.48 0.86
H3' 171 E . 9.61 12.09 1.98
H2' 171 E . 10.65 10.80 3.65
H6' 171 E . 9.51 7.36 1.73
HN 171 E . 10.99 7.41 3.62
H11 171 E . 10.31 8.43 5.72
H12 171 E . 10.89 9.73 5.08
H21 171 E . 12.99 8.32 4.89
H22 171 E . 12.33 7.53 6.07
H5' 171 E . 8.46 8.65 0.06
H4' 171 E . 8.52 11.02 0.16
S SO4 F . -8.12 -23.41 14.11
O1 SO4 F . -9.40 -22.91 13.53
O2 SO4 F . -7.68 -22.47 15.17
O3 SO4 F . -7.08 -23.50 13.06
O4 SO4 F . -8.35 -24.74 14.71
S SO4 G . -8.45 -28.92 4.51
O1 SO4 G . -8.28 -28.12 5.75
O2 SO4 G . -9.83 -28.76 4.00
O3 SO4 G . -8.19 -30.35 4.80
O4 SO4 G . -7.49 -28.44 3.47
NA NA H . 11.80 12.53 6.30
#